data_9HX3
#
_entry.id   9HX3
#
_cell.length_a   1.00
_cell.length_b   1.00
_cell.length_c   1.00
_cell.angle_alpha   90.00
_cell.angle_beta   90.00
_cell.angle_gamma   90.00
#
_symmetry.space_group_name_H-M   'P 1'
#
_entity_poly.entity_id   1
_entity_poly.type   'polypeptide(L)'
_entity_poly.pdbx_seq_one_letter_code
;MASHRLLLLCLAGLVFVSEAGPTGTGESKCPLMVKVLDAVRGSPAINVAVHVFRKAADDTWEPFASGKTSESGELHGLTT
EEEFVEGIYKVEIDTKSYWKALGISPFHEHAEVVFTANDSGPRRYTIAALLSPYSYSTTAVVTNPKE
;
_entity_poly.pdbx_strand_id   A,C,B,E,D
#
# COMPACT_ATOMS: atom_id res chain seq x y z
N PRO A 31 -19.56 -30.54 -6.33
CA PRO A 31 -18.29 -30.84 -5.67
C PRO A 31 -17.11 -30.13 -6.32
N LEU A 32 -16.52 -29.18 -5.60
CA LEU A 32 -15.38 -28.40 -6.08
C LEU A 32 -14.19 -28.64 -5.17
N MET A 33 -13.06 -29.01 -5.76
CA MET A 33 -11.82 -29.24 -5.03
C MET A 33 -10.69 -28.52 -5.73
N VAL A 34 -9.88 -27.79 -4.98
CA VAL A 34 -8.73 -27.07 -5.49
C VAL A 34 -7.53 -27.43 -4.62
N LYS A 35 -6.42 -27.80 -5.26
CA LYS A 35 -5.20 -28.17 -4.58
C LYS A 35 -4.03 -27.44 -5.23
N VAL A 36 -3.26 -26.74 -4.42
CA VAL A 36 -2.10 -25.99 -4.89
C VAL A 36 -0.94 -26.25 -3.94
N LEU A 37 0.21 -26.66 -4.50
CA LEU A 37 1.41 -26.88 -3.70
C LEU A 37 1.12 -27.82 -2.53
N ASP A 38 0.26 -28.81 -2.79
CA ASP A 38 -0.20 -29.69 -1.72
C ASP A 38 0.96 -30.31 -0.96
N ALA A 39 2.05 -30.63 -1.68
CA ALA A 39 3.23 -31.21 -1.06
C ALA A 39 4.47 -30.52 -1.63
N VAL A 40 5.37 -30.13 -0.73
CA VAL A 40 6.61 -29.45 -1.11
C VAL A 40 7.74 -30.01 -0.28
N ARG A 41 8.87 -30.25 -0.92
CA ARG A 41 10.07 -30.73 -0.24
C ARG A 41 11.27 -29.95 -0.76
N GLY A 42 11.92 -29.23 0.14
CA GLY A 42 13.00 -28.33 -0.23
C GLY A 42 12.79 -26.93 0.29
N SER A 43 13.49 -25.99 -0.31
CA SER A 43 13.45 -24.59 0.08
C SER A 43 13.22 -23.72 -1.15
N PRO A 44 12.00 -23.72 -1.70
CA PRO A 44 11.71 -22.87 -2.85
C PRO A 44 11.62 -21.40 -2.47
N ALA A 45 11.31 -20.59 -3.47
CA ALA A 45 10.99 -19.18 -3.32
C ALA A 45 9.77 -18.88 -4.18
N ILE A 46 8.66 -18.52 -3.55
CA ILE A 46 7.36 -18.54 -4.20
C ILE A 46 6.58 -17.27 -3.88
N ASN A 47 5.86 -16.77 -4.88
CA ASN A 47 4.76 -15.84 -4.69
C ASN A 47 3.51 -16.49 -5.24
N VAL A 48 2.45 -16.54 -4.42
CA VAL A 48 1.25 -17.29 -4.75
C VAL A 48 0.05 -16.36 -4.69
N ALA A 49 -0.95 -16.64 -5.53
CA ALA A 49 -2.21 -15.93 -5.52
C ALA A 49 -3.29 -16.91 -5.99
N VAL A 50 -4.28 -17.15 -5.13
CA VAL A 50 -5.34 -18.10 -5.42
C VAL A 50 -6.67 -17.40 -5.15
N HIS A 51 -7.54 -17.40 -6.15
CA HIS A 51 -8.88 -16.83 -6.04
C HIS A 51 -9.89 -17.90 -6.46
N VAL A 52 -10.90 -18.11 -5.62
CA VAL A 52 -11.97 -19.05 -5.90
C VAL A 52 -13.29 -18.33 -5.67
N PHE A 53 -14.31 -18.69 -6.44
CA PHE A 53 -15.55 -17.94 -6.45
C PHE A 53 -16.68 -18.83 -6.96
N ARG A 54 -17.74 -18.94 -6.18
CA ARG A 54 -18.99 -19.59 -6.61
C ARG A 54 -20.10 -18.56 -6.58
N LYS A 55 -21.16 -18.82 -7.32
CA LYS A 55 -22.21 -17.83 -7.51
C LYS A 55 -23.44 -18.44 -8.15
N GLY A 77 -24.00 6.83 -11.21
CA GLY A 77 -22.79 7.47 -10.73
C GLY A 77 -21.76 7.67 -11.83
N LEU A 78 -20.88 8.65 -11.64
CA LEU A 78 -19.88 8.95 -12.66
C LEU A 78 -18.98 7.75 -12.92
N THR A 79 -18.39 7.20 -11.87
CA THR A 79 -17.51 6.03 -11.96
C THR A 79 -18.02 4.95 -11.02
N THR A 80 -18.14 3.73 -11.53
CA THR A 80 -18.71 2.62 -10.77
C THR A 80 -17.82 1.39 -10.94
N GLU A 81 -17.73 0.60 -9.88
CA GLU A 81 -16.98 -0.65 -9.87
C GLU A 81 -17.66 -1.60 -8.91
N GLU A 82 -17.79 -2.87 -9.30
CA GLU A 82 -18.58 -3.82 -8.54
C GLU A 82 -18.05 -5.24 -8.74
N GLU A 83 -18.10 -6.03 -7.67
CA GLU A 83 -17.79 -7.45 -7.73
C GLU A 83 -16.49 -7.71 -8.49
N PHE A 84 -15.39 -7.21 -7.94
CA PHE A 84 -14.11 -7.30 -8.63
C PHE A 84 -12.96 -7.49 -7.66
N VAL A 85 -11.84 -7.97 -8.21
CA VAL A 85 -10.58 -8.08 -7.50
C VAL A 85 -9.56 -7.30 -8.30
N GLU A 86 -8.70 -6.55 -7.60
CA GLU A 86 -7.74 -5.68 -8.26
C GLU A 86 -6.47 -5.58 -7.43
N GLY A 87 -5.36 -5.32 -8.12
CA GLY A 87 -4.11 -4.98 -7.46
C GLY A 87 -3.63 -6.01 -6.46
N ILE A 88 -3.61 -7.28 -6.86
CA ILE A 88 -3.18 -8.33 -5.94
C ILE A 88 -1.68 -8.24 -5.70
N TYR A 89 -0.88 -8.46 -6.74
CA TYR A 89 0.56 -8.32 -6.68
C TYR A 89 1.03 -7.11 -7.49
N LYS A 90 0.20 -6.08 -7.53
CA LYS A 90 0.48 -4.92 -8.37
C LYS A 90 1.69 -4.14 -7.86
N VAL A 91 2.37 -3.47 -8.77
CA VAL A 91 3.51 -2.61 -8.47
C VAL A 91 3.39 -1.36 -9.32
N GLU A 92 3.61 -0.21 -8.70
CA GLU A 92 3.52 1.08 -9.38
C GLU A 92 4.73 1.92 -9.02
N ILE A 93 5.39 2.46 -10.04
CA ILE A 93 6.57 3.30 -9.87
C ILE A 93 6.45 4.49 -10.79
N ASP A 94 6.65 5.69 -10.23
CA ASP A 94 6.56 6.93 -10.99
C ASP A 94 5.19 7.06 -11.67
N THR A 95 4.19 6.44 -11.05
CA THR A 95 2.84 6.44 -11.58
C THR A 95 2.14 7.71 -11.13
N LYS A 96 1.59 8.45 -12.09
CA LYS A 96 1.02 9.77 -11.80
C LYS A 96 -0.29 9.93 -12.55
N SER A 97 -1.26 10.56 -11.88
CA SER A 97 -2.56 10.87 -12.46
C SER A 97 -2.90 12.30 -12.08
N TYR A 98 -2.79 13.22 -13.04
CA TYR A 98 -2.93 14.63 -12.74
C TYR A 98 -4.37 15.00 -12.40
N TRP A 99 -5.29 14.79 -13.34
CA TRP A 99 -6.70 15.09 -13.15
C TRP A 99 -7.51 13.81 -13.28
N LYS A 100 -8.55 13.69 -12.46
CA LYS A 100 -9.42 12.53 -12.52
C LYS A 100 -10.70 12.81 -11.74
N ALA A 101 -11.83 12.47 -12.35
CA ALA A 101 -13.13 12.51 -11.66
C ALA A 101 -13.36 13.86 -10.99
N LEU A 102 -13.04 14.94 -11.71
CA LEU A 102 -13.17 16.27 -11.12
C LEU A 102 -14.56 16.47 -10.52
N GLY A 103 -15.60 16.12 -11.25
CA GLY A 103 -16.95 16.20 -10.72
C GLY A 103 -17.92 16.67 -11.79
N ILE A 104 -19.16 16.86 -11.37
CA ILE A 104 -20.23 17.23 -12.30
C ILE A 104 -20.23 18.73 -12.51
N SER A 105 -20.46 19.14 -13.75
CA SER A 105 -20.48 20.55 -14.14
C SER A 105 -19.25 21.32 -13.65
N PRO A 106 -18.04 20.86 -13.98
CA PRO A 106 -16.86 21.66 -13.67
C PRO A 106 -16.46 22.53 -14.86
N PHE A 107 -16.05 23.76 -14.57
CA PHE A 107 -15.69 24.70 -15.62
C PHE A 107 -16.85 24.87 -16.59
N HIS A 108 -18.08 24.88 -16.05
CA HIS A 108 -19.26 24.82 -16.89
C HIS A 108 -19.37 26.06 -17.79
N GLU A 109 -19.04 27.23 -17.27
CA GLU A 109 -19.29 28.48 -17.96
C GLU A 109 -18.05 29.36 -17.95
N HIS A 110 -17.73 29.91 -19.13
CA HIS A 110 -16.68 30.92 -19.29
C HIS A 110 -15.45 30.61 -18.47
N ALA A 111 -14.94 29.38 -18.57
CA ALA A 111 -13.78 28.95 -17.81
C ALA A 111 -12.52 29.17 -18.62
N GLU A 112 -11.58 29.91 -18.04
CA GLU A 112 -10.26 30.11 -18.62
C GLU A 112 -9.26 29.30 -17.81
N VAL A 113 -8.59 28.37 -18.48
CA VAL A 113 -7.75 27.38 -17.81
C VAL A 113 -6.42 27.29 -18.53
N VAL A 114 -5.34 27.11 -17.77
CA VAL A 114 -4.01 26.86 -18.30
C VAL A 114 -3.45 25.66 -17.55
N PHE A 115 -3.29 24.55 -18.27
CA PHE A 115 -2.79 23.30 -17.70
C PHE A 115 -1.39 23.05 -18.23
N THR A 116 -0.43 22.92 -17.32
CA THR A 116 0.95 22.63 -17.68
C THR A 116 1.46 21.52 -16.76
N ALA A 117 2.20 20.57 -17.34
CA ALA A 117 2.75 19.45 -16.60
C ALA A 117 4.18 19.23 -17.06
N ASN A 118 5.11 19.23 -16.12
CA ASN A 118 6.52 19.06 -16.38
C ASN A 118 7.07 17.94 -15.50
N ASP A 119 7.63 16.90 -16.14
CA ASP A 119 8.30 15.81 -15.46
C ASP A 119 9.81 15.84 -15.68
N SER A 120 10.39 17.04 -15.68
CA SER A 120 11.77 17.25 -16.11
C SER A 120 12.69 17.20 -14.90
N GLY A 121 13.00 15.99 -14.44
CA GLY A 121 13.81 15.83 -13.26
C GLY A 121 14.83 14.70 -13.37
N PRO A 122 15.96 14.84 -12.67
CA PRO A 122 16.92 13.73 -12.58
C PRO A 122 16.46 12.67 -11.59
N ARG A 123 16.03 11.52 -12.08
CA ARG A 123 15.54 10.45 -11.23
C ARG A 123 16.16 9.13 -11.66
N ARG A 124 16.63 8.36 -10.68
CA ARG A 124 17.26 7.07 -10.93
C ARG A 124 16.53 6.02 -10.11
N TYR A 125 15.87 5.09 -10.77
CA TYR A 125 15.19 3.97 -10.13
C TYR A 125 15.90 2.69 -10.51
N THR A 126 16.47 2.01 -9.51
CA THR A 126 17.28 0.81 -9.73
C THR A 126 16.66 -0.32 -8.91
N ILE A 127 16.38 -1.44 -9.58
CA ILE A 127 15.70 -2.57 -8.95
C ILE A 127 16.28 -3.86 -9.49
N ALA A 128 17.03 -4.58 -8.65
CA ALA A 128 17.63 -5.83 -9.09
C ALA A 128 16.57 -6.89 -9.38
N ALA A 129 15.65 -7.08 -8.44
CA ALA A 129 14.61 -8.08 -8.57
C ALA A 129 13.26 -7.46 -8.26
N LEU A 130 12.30 -7.66 -9.15
CA LEU A 130 10.95 -7.14 -8.99
C LEU A 130 9.97 -8.25 -9.33
N LEU A 131 9.23 -8.72 -8.33
CA LEU A 131 8.27 -9.81 -8.51
C LEU A 131 8.97 -11.03 -9.09
N SER A 132 10.23 -11.20 -8.73
CA SER A 132 11.09 -12.26 -9.27
C SER A 132 11.75 -12.98 -8.11
N PRO A 133 11.01 -13.84 -7.41
CA PRO A 133 11.63 -14.61 -6.31
C PRO A 133 12.73 -15.52 -6.85
N TYR A 134 13.71 -15.81 -6.00
CA TYR A 134 14.87 -16.56 -6.41
C TYR A 134 15.35 -17.48 -5.29
N SER A 135 16.18 -18.47 -5.66
CA SER A 135 16.61 -19.49 -4.73
C SER A 135 18.04 -19.89 -5.03
N TYR A 136 18.82 -20.13 -3.97
CA TYR A 136 20.20 -20.60 -4.09
C TYR A 136 20.97 -19.77 -5.12
N SER A 137 20.63 -18.49 -5.21
CA SER A 137 21.18 -17.60 -6.22
C SER A 137 21.85 -16.43 -5.55
N THR A 138 22.25 -15.46 -6.36
CA THR A 138 22.94 -14.26 -5.89
C THR A 138 22.43 -13.06 -6.69
N THR A 139 21.96 -12.04 -5.97
CA THR A 139 21.54 -10.79 -6.56
C THR A 139 22.29 -9.65 -5.89
N ALA A 140 22.46 -8.54 -6.59
CA ALA A 140 23.23 -7.43 -6.05
C ALA A 140 22.99 -6.16 -6.86
N VAL A 141 23.15 -5.02 -6.21
CA VAL A 141 23.16 -3.72 -6.85
C VAL A 141 24.42 -3.00 -6.39
N VAL A 142 25.23 -2.55 -7.35
CA VAL A 142 26.53 -1.97 -7.07
C VAL A 142 26.65 -0.66 -7.82
N THR A 143 27.22 0.35 -7.16
CA THR A 143 27.48 1.66 -7.76
C THR A 143 28.85 2.14 -7.28
N ASN A 144 29.53 2.88 -8.14
CA ASN A 144 30.86 3.40 -7.81
C ASN A 144 31.08 4.76 -8.47
N PRO B 31 -20.98 -27.37 2.60
CA PRO B 31 -19.73 -27.73 3.27
C PRO B 31 -18.51 -27.05 2.63
N LEU B 32 -17.88 -26.14 3.36
CA LEU B 32 -16.72 -25.41 2.89
C LEU B 32 -15.55 -25.69 3.80
N MET B 33 -14.42 -26.10 3.22
CA MET B 33 -13.21 -26.39 3.96
C MET B 33 -12.04 -25.72 3.27
N VAL B 34 -11.21 -25.03 4.04
CA VAL B 34 -10.02 -24.35 3.54
C VAL B 34 -8.85 -24.76 4.41
N LYS B 35 -7.76 -25.17 3.77
CA LYS B 35 -6.55 -25.59 4.48
C LYS B 35 -5.35 -24.91 3.83
N VAL B 36 -4.54 -24.24 4.65
CA VAL B 36 -3.35 -23.55 4.18
C VAL B 36 -2.22 -23.85 5.15
N LEU B 37 -1.09 -24.31 4.61
CA LEU B 37 0.10 -24.58 5.40
C LEU B 37 -0.24 -25.51 6.57
N ASP B 38 -1.14 -26.46 6.31
CA ASP B 38 -1.64 -27.33 7.36
C ASP B 38 -0.51 -28.00 8.13
N ALA B 39 0.56 -28.36 7.42
CA ALA B 39 1.73 -28.99 8.03
C ALA B 39 2.99 -28.36 7.49
N VAL B 40 3.90 -28.00 8.38
CA VAL B 40 5.16 -27.37 8.02
C VAL B 40 6.26 -27.99 8.86
N ARG B 41 7.39 -28.27 8.23
CA ARG B 41 8.57 -28.79 8.92
C ARG B 41 9.80 -28.06 8.41
N GLY B 42 10.48 -27.38 9.32
CA GLY B 42 11.59 -26.53 8.96
C GLY B 42 11.43 -25.11 9.48
N SER B 43 12.19 -24.20 8.88
CA SER B 43 12.20 -22.80 9.28
C SER B 43 12.00 -21.92 8.05
N PRO B 44 10.80 -21.87 7.49
CA PRO B 44 10.55 -21.01 6.34
C PRO B 44 10.51 -19.53 6.73
N ALA B 45 10.25 -18.71 5.73
CA ALA B 45 9.98 -17.29 5.88
C ALA B 45 8.78 -16.95 5.01
N ILE B 46 7.69 -16.52 5.63
CA ILE B 46 6.39 -16.49 4.98
C ILE B 46 5.66 -15.20 5.30
N ASN B 47 4.97 -14.66 4.29
CA ASN B 47 3.91 -13.68 4.48
C ASN B 47 2.63 -14.29 3.92
N VAL B 48 1.58 -14.28 4.72
CA VAL B 48 0.35 -14.99 4.39
C VAL B 48 -0.82 -14.01 4.44
N ALA B 49 -1.82 -14.24 3.60
CA ALA B 49 -3.05 -13.49 3.59
C ALA B 49 -4.17 -14.42 3.12
N VAL B 50 -5.17 -14.63 3.96
CA VAL B 50 -6.28 -15.52 3.66
C VAL B 50 -7.58 -14.78 3.92
N HIS B 51 -8.44 -14.74 2.91
CA HIS B 51 -9.75 -14.12 3.02
C HIS B 51 -10.79 -15.13 2.59
N VAL B 52 -11.82 -15.31 3.41
CA VAL B 52 -12.93 -16.21 3.13
C VAL B 52 -14.21 -15.43 3.36
N PHE B 53 -15.24 -15.74 2.57
CA PHE B 53 -16.46 -14.95 2.55
C PHE B 53 -17.61 -15.79 2.03
N ARG B 54 -18.69 -15.86 2.81
CA ARG B 54 -19.95 -16.45 2.37
C ARG B 54 -21.02 -15.36 2.39
N LYS B 55 -22.09 -15.58 1.64
CA LYS B 55 -23.09 -14.55 1.45
C LYS B 55 -24.35 -15.10 0.79
N GLY B 77 -23.84 10.16 -2.18
CA GLY B 77 -22.61 10.75 -1.69
C GLY B 77 -21.56 10.92 -2.79
N LEU B 78 -20.64 11.85 -2.59
CA LEU B 78 -19.62 12.12 -3.60
C LEU B 78 -18.77 10.88 -3.86
N THR B 79 -18.22 10.30 -2.79
CA THR B 79 -17.39 9.11 -2.89
C THR B 79 -17.95 8.04 -1.96
N THR B 80 -18.11 6.84 -2.47
CA THR B 80 -18.73 5.74 -1.73
C THR B 80 -17.89 4.48 -1.89
N GLU B 81 -17.85 3.68 -0.82
CA GLU B 81 -17.14 2.40 -0.82
C GLU B 81 -17.88 1.48 0.14
N GLU B 82 -18.04 0.22 -0.26
CA GLU B 82 -18.89 -0.70 0.49
C GLU B 82 -18.42 -2.13 0.28
N GLU B 83 -18.51 -2.92 1.35
CA GLU B 83 -18.26 -4.37 1.30
C GLU B 83 -16.97 -4.67 0.54
N PHE B 84 -15.84 -4.22 1.10
CA PHE B 84 -14.57 -4.37 0.42
C PHE B 84 -13.43 -4.60 1.40
N VAL B 85 -12.34 -5.14 0.86
CA VAL B 85 -11.07 -5.29 1.58
C VAL B 85 -10.01 -4.55 0.79
N GLU B 86 -9.13 -3.85 1.49
CA GLU B 86 -8.13 -3.02 0.84
C GLU B 86 -6.87 -2.96 1.67
N GLY B 87 -5.74 -2.75 1.00
CA GLY B 87 -4.49 -2.46 1.67
C GLY B 87 -4.05 -3.52 2.67
N ILE B 88 -4.09 -4.79 2.26
CA ILE B 88 -3.70 -5.85 3.18
C ILE B 88 -2.20 -5.83 3.44
N TYR B 89 -1.41 -6.07 2.40
CA TYR B 89 0.04 -5.99 2.48
C TYR B 89 0.57 -4.80 1.69
N LYS B 90 -0.22 -3.73 1.64
CA LYS B 90 0.12 -2.58 0.81
C LYS B 90 1.35 -1.86 1.33
N VAL B 91 2.06 -1.22 0.41
CA VAL B 91 3.24 -0.41 0.73
C VAL B 91 3.16 0.85 -0.12
N GLU B 92 3.44 2.00 0.50
CA GLU B 92 3.40 3.28 -0.17
C GLU B 92 4.65 4.07 0.20
N ILE B 93 5.34 4.59 -0.81
CA ILE B 93 6.54 5.37 -0.62
C ILE B 93 6.48 6.58 -1.54
N ASP B 94 6.73 7.76 -0.98
CA ASP B 94 6.69 9.01 -1.74
C ASP B 94 5.35 9.19 -2.42
N THR B 95 4.31 8.61 -1.82
CA THR B 95 2.95 8.67 -2.35
C THR B 95 2.31 9.97 -1.91
N LYS B 96 1.80 10.74 -2.86
CA LYS B 96 1.29 12.07 -2.59
C LYS B 96 -0.02 12.29 -3.33
N SER B 97 -0.96 12.96 -2.67
CA SER B 97 -2.25 13.33 -3.26
C SER B 97 -2.54 14.77 -2.88
N TYR B 98 -2.37 15.68 -3.83
CA TYR B 98 -2.46 17.11 -3.52
C TYR B 98 -3.89 17.52 -3.21
N TRP B 99 -4.80 17.36 -4.16
CA TRP B 99 -6.20 17.71 -3.96
C TRP B 99 -7.07 16.48 -4.10
N LYS B 100 -8.11 16.39 -3.30
CA LYS B 100 -9.03 15.27 -3.37
C LYS B 100 -10.30 15.60 -2.60
N ALA B 101 -11.44 15.32 -3.21
CA ALA B 101 -12.74 15.40 -2.54
C ALA B 101 -12.93 16.75 -1.87
N LEU B 102 -12.56 17.82 -2.58
CA LEU B 102 -12.64 19.15 -1.98
C LEU B 102 -14.01 19.41 -1.39
N GLY B 103 -15.07 19.10 -2.13
CA GLY B 103 -16.41 19.24 -1.62
C GLY B 103 -17.35 19.75 -2.70
N ILE B 104 -18.59 19.99 -2.28
CA ILE B 104 -19.63 20.41 -3.21
C ILE B 104 -19.57 21.90 -3.42
N SER B 105 -19.78 22.33 -4.66
CA SER B 105 -19.73 23.74 -5.05
C SER B 105 -18.48 24.46 -4.55
N PRO B 106 -17.29 23.95 -4.87
CA PRO B 106 -16.07 24.70 -4.54
C PRO B 106 -15.63 25.55 -5.73
N PHE B 107 -15.18 26.76 -5.43
CA PHE B 107 -14.77 27.69 -6.48
C PHE B 107 -15.92 27.91 -7.46
N HIS B 108 -17.14 27.96 -6.93
CA HIS B 108 -18.33 27.97 -7.78
C HIS B 108 -18.37 29.21 -8.67
N GLU B 109 -18.00 30.37 -8.14
CA GLU B 109 -18.19 31.63 -8.83
C GLU B 109 -16.92 32.46 -8.82
N HIS B 110 -16.56 33.00 -9.98
CA HIS B 110 -15.48 33.96 -10.13
C HIS B 110 -14.26 33.59 -9.29
N ALA B 111 -13.81 32.36 -9.40
CA ALA B 111 -12.68 31.87 -8.63
C ALA B 111 -11.39 32.04 -9.44
N GLU B 112 -10.43 32.74 -8.85
CA GLU B 112 -9.10 32.90 -9.41
C GLU B 112 -8.14 32.04 -8.61
N VAL B 113 -7.50 31.08 -9.27
CA VAL B 113 -6.70 30.05 -8.60
C VAL B 113 -5.37 29.90 -9.31
N VAL B 114 -4.31 29.69 -8.54
CA VAL B 114 -2.99 29.38 -9.05
C VAL B 114 -2.48 28.16 -8.32
N PHE B 115 -2.36 27.05 -9.03
CA PHE B 115 -1.92 25.78 -8.46
C PHE B 115 -0.53 25.47 -8.98
N THR B 116 0.42 25.29 -8.07
CA THR B 116 1.79 24.95 -8.41
C THR B 116 2.25 23.81 -7.50
N ALA B 117 2.95 22.85 -8.07
CA ALA B 117 3.45 21.69 -7.33
C ALA B 117 4.87 21.41 -7.78
N ASN B 118 5.79 21.37 -6.82
CA ASN B 118 7.21 21.15 -7.09
C ASN B 118 7.70 20.00 -6.20
N ASP B 119 8.21 18.95 -6.84
CA ASP B 119 8.83 17.82 -6.16
C ASP B 119 10.34 17.80 -6.37
N SER B 120 10.98 18.97 -6.35
CA SER B 120 12.36 19.12 -6.78
C SER B 120 13.27 19.03 -5.57
N GLY B 121 13.52 17.81 -5.11
CA GLY B 121 14.32 17.61 -3.92
C GLY B 121 15.29 16.44 -4.02
N PRO B 122 16.42 16.53 -3.31
CA PRO B 122 17.33 15.39 -3.23
C PRO B 122 16.83 14.35 -2.24
N ARG B 123 16.35 13.21 -2.74
CA ARG B 123 15.81 12.16 -1.88
C ARG B 123 16.39 10.82 -2.31
N ARG B 124 16.82 10.03 -1.34
CA ARG B 124 17.39 8.71 -1.59
C ARG B 124 16.61 7.68 -0.77
N TYR B 125 15.91 6.79 -1.45
CA TYR B 125 15.19 5.70 -0.82
C TYR B 125 15.86 4.38 -1.19
N THR B 126 16.39 3.68 -0.20
CA THR B 126 17.13 2.45 -0.41
C THR B 126 16.48 1.34 0.39
N ILE B 127 16.15 0.24 -0.27
CA ILE B 127 15.42 -0.86 0.35
C ILE B 127 15.96 -2.17 -0.20
N ALA B 128 16.67 -2.92 0.64
CA ALA B 128 17.22 -4.20 0.20
C ALA B 128 16.11 -5.21 -0.08
N ALA B 129 15.17 -5.37 0.85
CA ALA B 129 14.09 -6.33 0.70
C ALA B 129 12.78 -5.66 1.01
N LEU B 130 11.81 -5.82 0.11
CA LEU B 130 10.48 -5.24 0.25
C LEU B 130 9.46 -6.30 -0.10
N LEU B 131 8.69 -6.74 0.90
CA LEU B 131 7.69 -7.79 0.70
C LEU B 131 8.34 -9.04 0.13
N SER B 132 9.60 -9.27 0.49
CA SER B 132 10.41 -10.36 -0.04
C SER B 132 11.04 -11.11 1.11
N PRO B 133 10.27 -11.94 1.82
CA PRO B 133 10.84 -12.73 2.90
C PRO B 133 11.89 -13.69 2.38
N TYR B 134 12.86 -14.01 3.24
CA TYR B 134 14.00 -14.82 2.83
C TYR B 134 14.44 -15.76 3.95
N SER B 135 15.21 -16.77 3.59
CA SER B 135 15.60 -17.83 4.52
C SER B 135 17.02 -18.28 4.22
N TYR B 136 17.77 -18.56 5.29
CA TYR B 136 19.14 -19.07 5.18
C TYR B 136 19.95 -18.28 4.15
N SER B 137 19.65 -16.99 4.07
CA SER B 137 20.25 -16.12 3.07
C SER B 137 20.97 -14.97 3.75
N THR B 138 21.42 -14.02 2.95
CA THR B 138 22.15 -12.85 3.42
C THR B 138 21.70 -11.63 2.62
N THR B 139 21.27 -10.59 3.34
CA THR B 139 20.90 -9.32 2.75
C THR B 139 21.70 -8.22 3.43
N ALA B 140 21.91 -7.11 2.73
CA ALA B 140 22.72 -6.03 3.28
C ALA B 140 22.54 -4.77 2.47
N VAL B 141 22.74 -3.63 3.14
CA VAL B 141 22.81 -2.33 2.50
C VAL B 141 24.10 -1.67 2.97
N VAL B 142 24.93 -1.24 2.02
CA VAL B 142 26.25 -0.72 2.31
C VAL B 142 26.44 0.60 1.56
N THR B 143 27.04 1.58 2.23
CA THR B 143 27.36 2.86 1.64
C THR B 143 28.74 3.29 2.13
N ASN B 144 29.47 4.01 1.28
CA ASN B 144 30.81 4.48 1.62
C ASN B 144 31.09 5.82 0.98
N PRO C 31 -20.28 -28.97 -1.90
CA PRO C 31 -19.01 -29.29 -1.24
C PRO C 31 -17.82 -28.60 -1.89
N LEU C 32 -17.21 -27.68 -1.17
CA LEU C 32 -16.06 -26.91 -1.64
C LEU C 32 -14.87 -27.17 -0.72
N MET C 33 -13.74 -27.57 -1.31
CA MET C 33 -12.52 -27.82 -0.58
C MET C 33 -11.36 -27.13 -1.27
N VAL C 34 -10.54 -26.42 -0.51
CA VAL C 34 -9.38 -25.72 -1.02
C VAL C 34 -8.18 -26.11 -0.15
N LYS C 35 -7.10 -26.50 -0.78
CA LYS C 35 -5.87 -26.89 -0.10
C LYS C 35 -4.69 -26.19 -0.74
N VAL C 36 -3.90 -25.50 0.07
CA VAL C 36 -2.73 -24.78 -0.40
C VAL C 36 -1.58 -25.06 0.57
N LEU C 37 -0.44 -25.49 0.01
CA LEU C 37 0.75 -25.74 0.81
C LEU C 37 0.44 -26.68 1.98
N ASP C 38 -0.45 -27.64 1.71
CA ASP C 38 -0.92 -28.51 2.78
C ASP C 38 0.23 -29.17 3.53
N ALA C 39 1.31 -29.51 2.83
CA ALA C 39 2.48 -30.11 3.44
C ALA C 39 3.73 -29.45 2.89
N VAL C 40 4.64 -29.08 3.78
CA VAL C 40 5.88 -28.42 3.41
C VAL C 40 7.00 -29.01 4.25
N ARG C 41 8.14 -29.28 3.61
CA ARG C 41 9.32 -29.77 4.30
C ARG C 41 10.53 -29.02 3.78
N GLY C 42 11.20 -28.30 4.69
CA GLY C 42 12.31 -27.44 4.32
C GLY C 42 12.11 -26.04 4.85
N SER C 43 12.85 -25.10 4.24
CA SER C 43 12.82 -23.70 4.64
C SER C 43 12.61 -22.83 3.40
N PRO C 44 11.41 -22.81 2.86
CA PRO C 44 11.13 -21.95 1.71
C PRO C 44 11.06 -20.48 2.08
N ALA C 45 10.78 -19.66 1.08
CA ALA C 45 10.49 -18.24 1.24
C ALA C 45 9.28 -17.92 0.37
N ILE C 46 8.18 -17.53 1.00
CA ILE C 46 6.88 -17.53 0.34
C ILE C 46 6.12 -16.25 0.67
N ASN C 47 5.42 -15.73 -0.34
CA ASN C 47 4.34 -14.77 -0.15
C ASN C 47 3.07 -15.40 -0.70
N VAL C 48 2.01 -15.41 0.10
CA VAL C 48 0.79 -16.15 -0.23
C VAL C 48 -0.38 -15.20 -0.17
N ALA C 49 -1.37 -15.45 -1.01
CA ALA C 49 -2.64 -14.72 -1.00
C ALA C 49 -3.72 -15.67 -1.48
N VAL C 50 -4.72 -15.89 -0.62
CA VAL C 50 -5.82 -16.82 -0.92
C VAL C 50 -7.13 -16.10 -0.66
N HIS C 51 -7.99 -16.08 -1.66
CA HIS C 51 -9.32 -15.48 -1.55
C HIS C 51 -10.34 -16.52 -1.98
N VAL C 52 -11.36 -16.72 -1.15
CA VAL C 52 -12.45 -17.64 -1.43
C VAL C 52 -13.75 -16.89 -1.19
N PHE C 53 -14.78 -17.22 -1.98
CA PHE C 53 -16.01 -16.45 -1.99
C PHE C 53 -17.15 -17.32 -2.51
N ARG C 54 -18.22 -17.41 -1.74
CA ARG C 54 -19.47 -18.03 -2.17
C ARG C 54 -20.56 -16.97 -2.14
N LYS C 55 -21.63 -17.21 -2.89
CA LYS C 55 -22.66 -16.19 -3.07
C LYS C 55 -23.90 -16.77 -3.73
N GLY C 77 -23.93 8.49 -6.75
CA GLY C 77 -22.69 9.11 -6.27
C GLY C 77 -21.67 9.29 -7.36
N LEU C 78 -20.76 10.25 -7.16
CA LEU C 78 -19.75 10.54 -8.17
C LEU C 78 -18.87 9.31 -8.43
N THR C 79 -18.31 8.74 -7.37
CA THR C 79 -17.45 7.56 -7.47
C THR C 79 -17.99 6.50 -6.54
N THR C 80 -18.13 5.28 -7.04
CA THR C 80 -18.72 4.18 -6.30
C THR C 80 -17.87 2.93 -6.46
N GLU C 81 -17.79 2.13 -5.40
CA GLU C 81 -17.07 0.87 -5.40
C GLU C 81 -17.77 -0.07 -4.43
N GLU C 82 -17.92 -1.33 -4.83
CA GLU C 82 -18.74 -2.27 -4.08
C GLU C 82 -18.24 -3.69 -4.28
N GLU C 83 -18.31 -4.48 -3.21
CA GLU C 83 -18.03 -5.91 -3.26
C GLU C 83 -16.73 -6.20 -4.01
N PHE C 84 -15.61 -5.73 -3.47
CA PHE C 84 -14.34 -5.85 -4.16
C PHE C 84 -13.19 -6.06 -3.18
N VAL C 85 -12.09 -6.56 -3.72
CA VAL C 85 -10.83 -6.69 -3.01
C VAL C 85 -9.78 -5.93 -3.81
N GLU C 86 -8.91 -5.20 -3.10
CA GLU C 86 -7.94 -4.35 -3.76
C GLU C 86 -6.67 -4.28 -2.92
N GLY C 87 -5.55 -4.04 -3.60
CA GLY C 87 -4.30 -3.73 -2.94
C GLY C 87 -3.83 -4.77 -1.94
N ILE C 88 -3.85 -6.04 -2.34
CA ILE C 88 -3.45 -7.10 -1.42
C ILE C 88 -1.94 -7.04 -1.17
N TYR C 89 -1.14 -7.27 -2.22
CA TYR C 89 0.31 -7.16 -2.14
C TYR C 89 0.79 -5.96 -2.95
N LYS C 90 -0.01 -4.91 -3.00
CA LYS C 90 0.30 -3.75 -3.83
C LYS C 90 1.51 -3.01 -3.31
N VAL C 91 2.22 -2.35 -4.22
CA VAL C 91 3.37 -1.51 -3.92
C VAL C 91 3.28 -0.26 -4.76
N GLU C 92 3.53 0.89 -4.15
CA GLU C 92 3.46 2.18 -4.82
C GLU C 92 4.69 2.99 -4.45
N ILE C 93 5.36 3.52 -5.47
CA ILE C 93 6.56 4.33 -5.29
C ILE C 93 6.46 5.54 -6.21
N ASP C 94 6.69 6.72 -5.65
CA ASP C 94 6.63 7.96 -6.41
C ASP C 94 5.28 8.13 -7.10
N THR C 95 4.25 7.52 -6.48
CA THR C 95 2.90 7.55 -7.02
C THR C 95 2.23 8.83 -6.56
N LYS C 96 1.70 9.59 -7.52
CA LYS C 96 1.16 10.92 -7.24
C LYS C 96 -0.16 11.11 -7.99
N SER C 97 -1.11 11.76 -7.33
CA SER C 97 -2.40 12.10 -7.91
C SER C 97 -2.72 13.54 -7.53
N TYR C 98 -2.59 14.45 -8.49
CA TYR C 98 -2.69 15.87 -8.17
C TYR C 98 -4.13 16.25 -7.86
N TRP C 99 -5.05 16.07 -8.80
CA TRP C 99 -6.45 16.41 -8.60
C TRP C 99 -7.28 15.14 -8.74
N LYS C 100 -8.33 15.04 -7.93
CA LYS C 100 -9.23 13.89 -7.99
C LYS C 100 -10.50 14.19 -7.22
N ALA C 101 -11.64 13.90 -7.83
CA ALA C 101 -12.93 13.95 -7.15
C ALA C 101 -13.15 15.31 -6.48
N LEU C 102 -12.81 16.38 -7.19
CA LEU C 102 -12.91 17.71 -6.60
C LEU C 102 -14.29 17.94 -6.01
N GLY C 103 -15.33 17.61 -6.74
CA GLY C 103 -16.68 17.71 -6.22
C GLY C 103 -17.64 18.21 -7.30
N ILE C 104 -18.88 18.43 -6.87
CA ILE C 104 -19.93 18.81 -7.80
C ILE C 104 -19.90 20.32 -8.01
N SER C 105 -20.12 20.74 -9.26
CA SER C 105 -20.11 22.14 -9.64
C SER C 105 -18.87 22.88 -9.15
N PRO C 106 -17.67 22.41 -9.47
CA PRO C 106 -16.46 23.18 -9.16
C PRO C 106 -16.05 24.03 -10.35
N PHE C 107 -15.62 25.26 -10.05
CA PHE C 107 -15.24 26.20 -11.11
C PHE C 107 -16.39 26.40 -12.08
N HIS C 108 -17.61 26.42 -11.55
CA HIS C 108 -18.80 26.40 -12.39
C HIS C 108 -18.87 27.63 -13.28
N GLU C 109 -18.52 28.80 -12.75
CA GLU C 109 -18.74 30.06 -13.45
C GLU C 109 -17.49 30.91 -13.44
N HIS C 110 -17.15 31.46 -14.61
CA HIS C 110 -16.08 32.44 -14.76
C HIS C 110 -14.86 32.11 -13.93
N ALA C 111 -14.38 30.87 -14.03
CA ALA C 111 -13.23 30.40 -13.27
C ALA C 111 -11.96 30.61 -14.08
N GLU C 112 -11.00 31.33 -13.50
CA GLU C 112 -9.68 31.51 -14.07
C GLU C 112 -8.71 30.66 -13.26
N VAL C 113 -8.03 29.73 -13.92
CA VAL C 113 -7.23 28.71 -13.26
C VAL C 113 -5.89 28.59 -13.97
N VAL C 114 -4.83 28.40 -13.20
CA VAL C 114 -3.50 28.12 -13.72
C VAL C 114 -2.97 26.91 -12.99
N PHE C 115 -2.82 25.80 -13.71
CA PHE C 115 -2.35 24.54 -13.13
C PHE C 115 -0.96 24.26 -13.65
N THR C 116 0.00 24.10 -12.74
CA THR C 116 1.37 23.78 -13.09
C THR C 116 1.85 22.67 -12.18
N ALA C 117 2.57 21.71 -12.75
CA ALA C 117 3.10 20.56 -12.02
C ALA C 117 4.53 20.32 -12.47
N ASN C 118 5.45 20.30 -11.51
CA ASN C 118 6.87 20.10 -11.79
C ASN C 118 7.39 18.97 -10.91
N ASP C 119 7.92 17.93 -11.54
CA ASP C 119 8.57 16.82 -10.85
C ASP C 119 10.08 16.82 -11.08
N SER C 120 10.68 18.00 -11.06
CA SER C 120 12.06 18.19 -11.50
C SER C 120 12.98 18.11 -10.28
N GLY C 121 13.26 16.89 -9.83
CA GLY C 121 14.07 16.71 -8.64
C GLY C 121 15.07 15.57 -8.75
N PRO C 122 16.20 15.69 -8.04
CA PRO C 122 17.13 14.56 -7.95
C PRO C 122 16.65 13.51 -6.97
N ARG C 123 16.20 12.36 -7.45
CA ARG C 123 15.68 11.30 -6.60
C ARG C 123 16.28 9.98 -7.04
N ARG C 124 16.73 9.19 -6.05
CA ARG C 124 17.33 7.88 -6.31
C ARG C 124 16.57 6.84 -5.49
N TYR C 125 15.90 5.93 -6.16
CA TYR C 125 15.20 4.83 -5.52
C TYR C 125 15.88 3.53 -5.90
N THR C 126 16.43 2.84 -4.90
CA THR C 126 17.21 1.63 -5.12
C THR C 126 16.58 0.51 -4.31
N ILE C 127 16.27 -0.61 -4.97
CA ILE C 127 15.57 -1.72 -4.35
C ILE C 127 16.12 -3.02 -4.89
N ALA C 128 16.85 -3.76 -4.05
CA ALA C 128 17.43 -5.02 -4.49
C ALA C 128 16.35 -6.05 -4.78
N ALA C 129 15.42 -6.23 -3.84
CA ALA C 129 14.35 -7.22 -3.98
C ALA C 129 13.02 -6.57 -3.67
N LEU C 130 12.06 -6.75 -4.57
CA LEU C 130 10.72 -6.20 -4.42
C LEU C 130 9.72 -7.28 -4.76
N LEU C 131 8.96 -7.74 -3.76
CA LEU C 131 7.98 -8.81 -3.95
C LEU C 131 8.66 -10.04 -4.53
N SER C 132 9.92 -10.25 -4.16
CA SER C 132 10.75 -11.32 -4.70
C SER C 132 11.40 -12.06 -3.54
N PRO C 133 10.64 -12.89 -2.84
CA PRO C 133 11.24 -13.68 -1.74
C PRO C 133 12.31 -14.61 -2.27
N TYR C 134 13.29 -14.92 -1.42
CA TYR C 134 14.44 -15.70 -1.83
C TYR C 134 14.89 -16.62 -0.71
N SER C 135 15.70 -17.63 -1.07
CA SER C 135 16.11 -18.67 -0.14
C SER C 135 17.53 -19.10 -0.44
N TYR C 136 18.31 -19.36 0.62
CA TYR C 136 19.68 -19.84 0.51
C TYR C 136 20.47 -19.04 -0.53
N SER C 137 20.14 -17.75 -0.61
CA SER C 137 20.72 -16.87 -1.62
C SER C 137 21.42 -15.71 -0.94
N THR C 138 21.84 -14.75 -1.74
CA THR C 138 22.54 -13.56 -1.28
C THR C 138 22.07 -12.35 -2.07
N THR C 139 21.62 -11.32 -1.36
CA THR C 139 21.23 -10.05 -1.95
C THR C 139 22.00 -8.94 -1.27
N ALA C 140 22.19 -7.83 -1.97
CA ALA C 140 22.98 -6.73 -1.43
C ALA C 140 22.77 -5.47 -2.23
N VAL C 141 22.95 -4.33 -1.58
CA VAL C 141 22.99 -3.03 -2.22
C VAL C 141 24.27 -2.34 -1.75
N VAL C 142 25.08 -1.89 -2.71
CA VAL C 142 26.40 -1.35 -2.42
C VAL C 142 26.56 -0.04 -3.17
N THR C 143 27.14 0.96 -2.50
CA THR C 143 27.43 2.25 -3.10
C THR C 143 28.80 2.70 -2.62
N ASN C 144 29.50 3.44 -3.47
CA ASN C 144 30.84 3.93 -3.14
C ASN C 144 31.09 5.29 -3.79
N PRO D 31 -22.37 -24.13 11.55
CA PRO D 31 -21.12 -24.54 12.22
C PRO D 31 -19.89 -23.92 11.59
N LEU D 32 -19.22 -23.04 12.33
CA LEU D 32 -18.03 -22.35 11.87
C LEU D 32 -16.88 -22.69 12.80
N MET D 33 -15.77 -23.15 12.22
CA MET D 33 -14.57 -23.48 12.97
C MET D 33 -13.37 -22.86 12.29
N VAL D 34 -12.52 -22.21 13.07
CA VAL D 34 -11.29 -21.57 12.58
C VAL D 34 -10.15 -22.05 13.45
N LYS D 35 -9.07 -22.50 12.82
CA LYS D 35 -7.89 -22.97 13.53
C LYS D 35 -6.65 -22.34 12.90
N VAL D 36 -5.83 -21.71 13.73
CA VAL D 36 -4.61 -21.06 13.27
C VAL D 36 -3.49 -21.42 14.24
N LEU D 37 -2.38 -21.92 13.70
CA LEU D 37 -1.22 -22.24 14.52
C LEU D 37 -1.60 -23.16 15.68
N ASP D 38 -2.54 -24.07 15.40
CA ASP D 38 -3.08 -24.92 16.46
C ASP D 38 -1.97 -25.65 17.22
N ALA D 39 -0.91 -26.05 16.52
CA ALA D 39 0.21 -26.73 17.15
C ALA D 39 1.50 -26.14 16.61
N VAL D 40 2.43 -25.83 17.51
CA VAL D 40 3.71 -25.25 17.16
C VAL D 40 4.78 -25.92 18.01
N ARG D 41 5.91 -26.25 17.38
CA ARG D 41 7.05 -26.82 18.07
C ARG D 41 8.32 -26.14 17.57
N GLY D 42 9.02 -25.49 18.49
CA GLY D 42 10.17 -24.69 18.14
C GLY D 42 10.06 -23.28 18.67
N SER D 43 10.86 -22.39 18.08
CA SER D 43 10.93 -20.98 18.48
C SER D 43 10.78 -20.10 17.25
N PRO D 44 9.58 -20.00 16.69
CA PRO D 44 9.38 -19.11 15.54
C PRO D 44 9.40 -17.65 15.93
N ALA D 45 9.18 -16.81 14.92
CA ALA D 45 8.97 -15.38 15.09
C ALA D 45 7.80 -14.98 14.21
N ILE D 46 6.71 -14.52 14.83
CA ILE D 46 5.42 -14.43 14.16
C ILE D 46 4.74 -13.11 14.47
N ASN D 47 4.09 -12.54 13.47
CA ASN D 47 3.07 -11.51 13.65
C ASN D 47 1.76 -12.06 13.09
N VAL D 48 0.71 -12.02 13.88
CA VAL D 48 -0.55 -12.67 13.53
C VAL D 48 -1.67 -11.64 13.58
N ALA D 49 -2.68 -11.83 12.72
CA ALA D 49 -3.88 -11.03 12.72
C ALA D 49 -5.03 -11.89 12.23
N VAL D 50 -6.04 -12.07 13.07
CA VAL D 50 -7.18 -12.91 12.76
C VAL D 50 -8.45 -12.13 13.01
N HIS D 51 -9.30 -12.05 12.00
CA HIS D 51 -10.59 -11.36 12.09
C HIS D 51 -11.67 -12.34 11.65
N VAL D 52 -12.71 -12.47 12.47
CA VAL D 52 -13.86 -13.32 12.17
C VAL D 52 -15.11 -12.49 12.39
N PHE D 53 -16.15 -12.75 11.60
CA PHE D 53 -17.33 -11.91 11.58
C PHE D 53 -18.51 -12.70 11.04
N ARG D 54 -19.60 -12.73 11.80
CA ARG D 54 -20.87 -13.27 11.36
C ARG D 54 -21.89 -12.14 11.38
N LYS D 55 -22.98 -12.31 10.62
CA LYS D 55 -23.93 -11.23 10.42
C LYS D 55 -25.20 -11.73 9.75
N GLY D 77 -23.60 13.50 6.88
CA GLY D 77 -22.35 14.04 7.37
C GLY D 77 -21.29 14.16 6.29
N LEU D 78 -20.33 15.06 6.50
CA LEU D 78 -19.30 15.29 5.50
C LEU D 78 -18.50 14.02 5.25
N THR D 79 -17.98 13.40 6.30
CA THR D 79 -17.20 12.18 6.21
C THR D 79 -17.81 11.14 7.14
N THR D 80 -18.02 9.93 6.62
CA THR D 80 -18.68 8.87 7.35
C THR D 80 -17.90 7.57 7.20
N GLU D 81 -17.90 6.77 8.26
CA GLU D 81 -17.25 5.46 8.26
C GLU D 81 -18.03 4.57 9.20
N GLU D 82 -18.25 3.31 8.80
CA GLU D 82 -19.13 2.43 9.53
C GLU D 82 -18.72 0.97 9.33
N GLU D 83 -18.85 0.19 10.40
CA GLU D 83 -18.66 -1.26 10.35
C GLU D 83 -17.38 -1.62 9.61
N PHE D 84 -16.24 -1.22 10.16
CA PHE D 84 -14.97 -1.41 9.49
C PHE D 84 -13.85 -1.71 10.48
N VAL D 85 -12.78 -2.28 9.95
CA VAL D 85 -11.53 -2.49 10.67
C VAL D 85 -10.42 -1.79 9.89
N GLU D 86 -9.52 -1.12 10.60
CA GLU D 86 -8.49 -0.34 9.97
C GLU D 86 -7.22 -0.34 10.82
N GLY D 87 -6.09 -0.17 10.14
CA GLY D 87 -4.84 0.06 10.83
C GLY D 87 -4.44 -1.01 11.82
N ILE D 88 -4.53 -2.29 11.41
CA ILE D 88 -4.20 -3.36 12.33
C ILE D 88 -2.70 -3.41 12.60
N TYR D 89 -1.91 -3.68 11.57
CA TYR D 89 -0.45 -3.66 11.65
C TYR D 89 0.11 -2.49 10.87
N LYS D 90 -0.62 -1.39 10.81
CA LYS D 90 -0.24 -0.25 9.99
C LYS D 90 1.03 0.41 10.52
N VAL D 91 1.78 1.03 9.61
CA VAL D 91 2.97 1.78 9.95
C VAL D 91 2.97 3.06 9.11
N GLU D 92 3.28 4.18 9.73
CA GLU D 92 3.31 5.47 9.06
C GLU D 92 4.58 6.21 9.45
N ILE D 93 5.31 6.70 8.44
CA ILE D 93 6.54 7.43 8.64
C ILE D 93 6.53 8.65 7.73
N ASP D 94 6.82 9.81 8.29
CA ASP D 94 6.85 11.06 7.54
C ASP D 94 5.52 11.30 6.85
N THR D 95 4.46 10.77 7.43
CA THR D 95 3.11 10.88 6.89
C THR D 95 2.51 12.21 7.35
N LYS D 96 2.05 13.00 6.38
CA LYS D 96 1.58 14.35 6.67
C LYS D 96 0.30 14.63 5.91
N SER D 97 -0.63 15.33 6.56
CA SER D 97 -1.89 15.75 5.97
C SER D 97 -2.12 17.22 6.35
N TYR D 98 -1.91 18.12 5.40
CA TYR D 98 -1.94 19.55 5.72
C TYR D 98 -3.35 20.02 6.03
N TRP D 99 -4.26 19.89 5.06
CA TRP D 99 -5.65 20.31 5.25
C TRP D 99 -6.56 19.11 5.10
N LYS D 100 -7.62 19.06 5.90
CA LYS D 100 -8.58 17.98 5.82
C LYS D 100 -9.85 18.36 6.58
N ALA D 101 -10.99 18.13 5.95
CA ALA D 101 -12.28 18.27 6.62
C ALA D 101 -12.43 19.62 7.30
N LEU D 102 -12.01 20.67 6.59
CA LEU D 102 -12.04 22.01 7.19
C LEU D 102 -13.41 22.33 7.77
N GLY D 103 -14.47 22.06 7.03
CA GLY D 103 -15.80 22.26 7.52
C GLY D 103 -16.71 22.81 6.44
N ILE D 104 -17.94 23.10 6.85
CA ILE D 104 -18.96 23.55 5.91
C ILE D 104 -18.84 25.06 5.71
N SER D 105 -19.01 25.50 4.47
CA SER D 105 -18.91 26.90 4.10
C SER D 105 -17.63 27.57 4.60
N PRO D 106 -16.45 27.02 4.29
CA PRO D 106 -15.21 27.71 4.62
C PRO D 106 -14.73 28.54 3.45
N PHE D 107 -14.23 29.74 3.74
CA PHE D 107 -13.77 30.65 2.70
C PHE D 107 -14.90 30.92 1.72
N HIS D 108 -16.12 31.02 2.24
CA HIS D 108 -17.30 31.08 1.38
C HIS D 108 -17.28 32.31 0.50
N GLU D 109 -16.87 33.46 1.03
CA GLU D 109 -17.00 34.74 0.34
C GLU D 109 -15.70 35.51 0.38
N HIS D 110 -15.31 36.03 -0.79
CA HIS D 110 -14.19 36.95 -0.93
C HIS D 110 -12.99 36.54 -0.09
N ALA D 111 -12.59 35.28 -0.19
CA ALA D 111 -11.48 34.74 0.59
C ALA D 111 -10.19 34.86 -0.21
N GLU D 112 -9.20 35.51 0.39
CA GLU D 112 -7.86 35.61 -0.17
C GLU D 112 -6.95 34.71 0.64
N VAL D 113 -6.33 33.74 -0.02
CA VAL D 113 -5.60 32.67 0.65
C VAL D 113 -4.27 32.47 -0.05
N VAL D 114 -3.23 32.20 0.73
CA VAL D 114 -1.91 31.84 0.23
C VAL D 114 -1.46 30.59 0.96
N PHE D 115 -1.38 29.48 0.24
CA PHE D 115 -1.00 28.19 0.82
C PHE D 115 0.39 27.83 0.30
N THR D 116 1.31 27.61 1.22
CA THR D 116 2.67 27.21 0.89
C THR D 116 3.07 26.06 1.80
N ALA D 117 3.73 25.06 1.22
CA ALA D 117 4.18 23.88 1.97
C ALA D 117 5.60 23.55 1.52
N ASN D 118 6.51 23.47 2.49
CA ASN D 118 7.91 23.17 2.23
C ASN D 118 8.35 22.02 3.11
N ASP D 119 8.82 20.94 2.48
CA ASP D 119 9.38 19.79 3.16
C ASP D 119 10.90 19.71 2.97
N SER D 120 11.58 20.85 2.98
CA SER D 120 12.98 20.94 2.57
C SER D 120 13.87 20.81 3.79
N GLY D 121 14.07 19.58 4.26
CA GLY D 121 14.85 19.33 5.44
C GLY D 121 15.77 18.13 5.34
N PRO D 122 16.90 18.17 6.05
CA PRO D 122 17.76 16.99 6.15
C PRO D 122 17.21 15.97 7.13
N ARG D 123 16.69 14.86 6.62
CA ARG D 123 16.10 13.82 7.46
C ARG D 123 16.62 12.46 7.03
N ARG D 124 17.01 11.64 8.01
CA ARG D 124 17.52 10.30 7.77
C ARG D 124 16.70 9.32 8.57
N TYR D 125 15.97 8.44 7.88
CA TYR D 125 15.19 7.39 8.51
C TYR D 125 15.80 6.05 8.12
N THR D 126 16.29 5.32 9.13
CA THR D 126 16.99 4.06 8.92
C THR D 126 16.29 2.97 9.71
N ILE D 127 15.92 1.89 9.04
CA ILE D 127 15.13 0.82 9.65
C ILE D 127 15.62 -0.51 9.11
N ALA D 128 16.30 -1.29 9.95
CA ALA D 128 16.80 -2.59 9.50
C ALA D 128 15.66 -3.55 9.21
N ALA D 129 14.69 -3.67 10.13
CA ALA D 129 13.58 -4.59 9.97
C ALA D 129 12.28 -3.86 10.27
N LEU D 130 11.32 -3.97 9.36
CA LEU D 130 10.02 -3.34 9.51
C LEU D 130 8.95 -4.36 9.14
N LEU D 131 8.16 -4.77 10.13
CA LEU D 131 7.12 -5.78 9.93
C LEU D 131 7.72 -7.05 9.34
N SER D 132 8.97 -7.33 9.73
CA SER D 132 9.73 -8.45 9.19
C SER D 132 10.32 -9.23 10.36
N PRO D 133 9.51 -10.03 11.05
CA PRO D 133 10.04 -10.86 12.13
C PRO D 133 11.06 -11.85 11.61
N TYR D 134 12.01 -12.22 12.47
CA TYR D 134 13.11 -13.07 12.08
C TYR D 134 13.50 -14.03 13.20
N SER D 135 14.23 -15.08 12.84
CA SER D 135 14.57 -16.15 13.76
C SER D 135 15.97 -16.66 13.49
N TYR D 136 16.70 -16.97 14.55
CA TYR D 136 18.05 -17.54 14.45
C TYR D 136 18.89 -16.79 13.43
N SER D 137 18.66 -15.48 13.35
CA SER D 137 19.29 -14.63 12.36
C SER D 137 20.06 -13.52 13.04
N THR D 138 20.56 -12.58 12.25
CA THR D 138 21.32 -11.45 12.73
C THR D 138 20.94 -10.21 11.94
N THR D 139 20.55 -9.15 12.65
CA THR D 139 20.24 -7.87 12.06
C THR D 139 21.07 -6.80 12.76
N ALA D 140 21.34 -5.70 12.06
CA ALA D 140 22.20 -4.66 12.62
C ALA D 140 22.07 -3.38 11.81
N VAL D 141 22.32 -2.26 12.48
CA VAL D 141 22.44 -0.96 11.85
C VAL D 141 23.75 -0.36 12.33
N VAL D 142 24.60 0.05 11.39
CA VAL D 142 25.95 0.50 11.70
C VAL D 142 26.20 1.81 10.95
N THR D 143 26.83 2.76 11.63
CA THR D 143 27.21 4.03 11.05
C THR D 143 28.61 4.40 11.54
N ASN D 144 29.36 5.10 10.70
CA ASN D 144 30.72 5.50 11.06
C ASN D 144 31.06 6.83 10.42
N PRO E 31 -21.68 -25.74 7.12
CA PRO E 31 -20.43 -26.12 7.79
C PRO E 31 -19.20 -25.48 7.15
N LEU E 32 -18.56 -24.58 7.89
CA LEU E 32 -17.38 -23.87 7.43
C LEU E 32 -16.22 -24.18 8.35
N MET E 33 -15.10 -24.62 7.77
CA MET E 33 -13.89 -24.93 8.51
C MET E 33 -12.71 -24.28 7.82
N VAL E 34 -11.87 -23.61 8.60
CA VAL E 34 -10.66 -22.96 8.10
C VAL E 34 -9.50 -23.40 8.98
N LYS E 35 -8.41 -23.83 8.35
CA LYS E 35 -7.21 -24.28 9.05
C LYS E 35 -6.01 -23.62 8.41
N VAL E 36 -5.19 -22.97 9.24
CA VAL E 36 -3.98 -22.30 8.79
C VAL E 36 -2.85 -22.64 9.75
N LEU E 37 -1.73 -23.10 9.21
CA LEU E 37 -0.55 -23.41 10.02
C LEU E 37 -0.91 -24.33 11.17
N ASP E 38 -1.84 -25.26 10.91
CA ASP E 38 -2.36 -26.12 11.96
C ASP E 38 -1.25 -26.81 12.72
N ALA E 39 -0.18 -27.19 12.03
CA ALA E 39 0.97 -27.86 12.65
C ALA E 39 2.24 -27.24 12.10
N VAL E 40 3.16 -26.91 13.01
CA VAL E 40 4.44 -26.31 12.65
C VAL E 40 5.52 -26.95 13.50
N ARG E 41 6.66 -27.26 12.87
CA ARG E 41 7.81 -27.80 13.56
C ARG E 41 9.05 -27.10 13.05
N GLY E 42 9.75 -26.42 13.96
CA GLY E 42 10.88 -25.61 13.61
C GLY E 42 10.75 -24.19 14.14
N SER E 43 11.53 -23.29 13.54
CA SER E 43 11.56 -21.89 13.94
C SER E 43 11.40 -21.00 12.71
N PRO E 44 10.19 -20.93 12.15
CA PRO E 44 9.96 -20.05 11.00
C PRO E 44 9.95 -18.58 11.39
N ALA E 45 9.71 -17.75 10.38
CA ALA E 45 9.48 -16.32 10.54
C ALA E 45 8.30 -15.95 9.67
N ILE E 46 7.20 -15.52 10.28
CA ILE E 46 5.91 -15.45 9.62
C ILE E 46 5.21 -14.15 9.94
N ASN E 47 4.53 -13.59 8.94
CA ASN E 47 3.50 -12.59 9.12
C ASN E 47 2.21 -13.17 8.55
N VAL E 48 1.14 -13.15 9.35
CA VAL E 48 -0.10 -13.82 9.01
C VAL E 48 -1.24 -12.83 9.06
N ALA E 49 -2.24 -13.03 8.21
CA ALA E 49 -3.47 -12.25 8.20
C ALA E 49 -4.60 -13.15 7.72
N VAL E 50 -5.61 -13.34 8.56
CA VAL E 50 -6.73 -14.22 8.26
C VAL E 50 -8.01 -13.44 8.51
N HIS E 51 -8.87 -13.38 7.50
CA HIS E 51 -10.17 -12.74 7.60
C HIS E 51 -11.23 -13.73 7.17
N VAL E 52 -12.26 -13.88 7.99
CA VAL E 52 -13.39 -14.75 7.69
C VAL E 52 -14.67 -13.95 7.92
N PHE E 53 -15.69 -14.23 7.12
CA PHE E 53 -16.89 -13.42 7.11
C PHE E 53 -18.06 -14.23 6.57
N ARG E 54 -19.14 -14.28 7.35
CA ARG E 54 -20.41 -14.84 6.91
C ARG E 54 -21.46 -13.74 6.92
N LYS E 55 -22.53 -13.94 6.17
CA LYS E 55 -23.51 -12.87 5.97
C LYS E 55 -24.78 -13.41 5.31
N GLY E 77 -23.72 11.85 2.36
CA GLY E 77 -22.47 12.41 2.86
C GLY E 77 -21.42 12.55 1.78
N LEU E 78 -20.48 13.48 1.98
CA LEU E 78 -19.45 13.72 0.97
C LEU E 78 -18.62 12.47 0.71
N THR E 79 -18.08 11.87 1.78
CA THR E 79 -17.29 10.65 1.68
C THR E 79 -17.88 9.61 2.62
N THR E 80 -18.05 8.40 2.10
CA THR E 80 -18.70 7.32 2.84
C THR E 80 -17.89 6.04 2.68
N GLU E 81 -17.87 5.24 3.74
CA GLU E 81 -17.19 3.95 3.75
C GLU E 81 -17.94 3.03 4.70
N GLU E 82 -18.14 1.78 4.30
CA GLU E 82 -19.01 0.87 5.04
C GLU E 82 -18.57 -0.56 4.83
N GLU E 83 -18.68 -1.36 5.90
CA GLU E 83 -18.46 -2.80 5.86
C GLU E 83 -17.16 -3.14 5.11
N PHE E 84 -16.04 -2.71 5.66
CA PHE E 84 -14.76 -2.89 5.00
C PHE E 84 -13.63 -3.15 5.97
N VAL E 85 -12.55 -3.70 5.45
CA VAL E 85 -11.30 -3.88 6.16
C VAL E 85 -10.21 -3.17 5.37
N GLU E 86 -9.32 -2.48 6.08
CA GLU E 86 -8.30 -1.66 5.44
C GLU E 86 -7.04 -1.64 6.28
N GLY E 87 -5.91 -1.45 5.62
CA GLY E 87 -4.66 -1.19 6.29
C GLY E 87 -4.24 -2.26 7.28
N ILE E 88 -4.30 -3.53 6.88
CA ILE E 88 -3.95 -4.59 7.80
C ILE E 88 -2.44 -4.61 8.06
N TYR E 89 -1.66 -4.87 7.03
CA TYR E 89 -0.20 -4.82 7.12
C TYR E 89 0.35 -3.63 6.32
N LYS E 90 -0.41 -2.55 6.27
CA LYS E 90 -0.05 -1.41 5.44
C LYS E 90 1.19 -0.72 5.97
N VAL E 91 1.94 -0.09 5.06
CA VAL E 91 3.11 0.69 5.39
C VAL E 91 3.08 1.96 4.54
N GLU E 92 3.37 3.10 5.16
CA GLU E 92 3.36 4.39 4.49
C GLU E 92 4.63 5.15 4.86
N ILE E 93 5.33 5.65 3.86
CA ILE E 93 6.55 6.41 4.05
C ILE E 93 6.52 7.62 3.13
N ASP E 94 6.79 8.80 3.69
CA ASP E 94 6.78 10.05 2.94
C ASP E 94 5.44 10.26 2.25
N THR E 95 4.40 9.70 2.84
CA THR E 95 3.05 9.78 2.30
C THR E 95 2.43 11.10 2.76
N LYS E 96 1.94 11.88 1.79
CA LYS E 96 1.45 13.22 2.08
C LYS E 96 0.15 13.47 1.32
N SER E 97 -0.78 14.15 1.98
CA SER E 97 -2.05 14.56 1.39
C SER E 97 -2.31 16.01 1.77
N TYR E 98 -2.13 16.91 0.81
CA TYR E 98 -2.19 18.33 1.13
C TYR E 98 -3.61 18.78 1.43
N TRP E 99 -4.52 18.63 0.48
CA TRP E 99 -5.91 19.02 0.67
C TRP E 99 -6.80 17.80 0.53
N LYS E 100 -7.85 17.74 1.33
CA LYS E 100 -8.79 16.63 1.25
C LYS E 100 -10.06 16.99 2.01
N ALA E 101 -11.21 16.73 1.39
CA ALA E 101 -12.50 16.84 2.06
C ALA E 101 -12.67 18.21 2.74
N LEU E 102 -12.28 19.27 2.03
CA LEU E 102 -12.33 20.59 2.63
C LEU E 102 -13.71 20.89 3.21
N GLY E 103 -14.76 20.60 2.47
CA GLY E 103 -16.10 20.76 2.98
C GLY E 103 -17.02 21.29 1.89
N ILE E 104 -18.26 21.56 2.31
CA ILE E 104 -19.29 21.99 1.38
C ILE E 104 -19.19 23.50 1.16
N SER E 105 -19.39 23.93 -0.08
CA SER E 105 -19.31 25.33 -0.46
C SER E 105 -18.04 26.03 0.05
N PRO E 106 -16.86 25.50 -0.27
CA PRO E 106 -15.63 26.22 0.06
C PRO E 106 -15.17 27.06 -1.12
N PHE E 107 -14.69 28.26 -0.83
CA PHE E 107 -14.26 29.19 -1.87
C PHE E 107 -15.40 29.44 -2.85
N HIS E 108 -16.62 29.51 -2.33
CA HIS E 108 -17.79 29.55 -3.18
C HIS E 108 -17.81 30.78 -4.07
N GLU E 109 -17.42 31.93 -3.53
CA GLU E 109 -17.58 33.20 -4.22
C GLU E 109 -16.29 34.00 -4.21
N HIS E 110 -15.92 34.53 -5.37
CA HIS E 110 -14.82 35.48 -5.51
C HIS E 110 -13.61 35.08 -4.67
N ALA E 111 -13.18 33.83 -4.78
CA ALA E 111 -12.06 33.32 -4.01
C ALA E 111 -10.77 33.47 -4.80
N GLU E 112 -9.79 34.15 -4.21
CA GLU E 112 -8.46 34.26 -4.78
C GLU E 112 -7.52 33.38 -3.96
N VAL E 113 -6.90 32.42 -4.63
CA VAL E 113 -6.13 31.38 -3.95
C VAL E 113 -4.80 31.20 -4.66
N VAL E 114 -3.75 30.96 -3.88
CA VAL E 114 -2.43 30.62 -4.39
C VAL E 114 -1.95 29.39 -3.65
N PHE E 115 -1.86 28.27 -4.38
CA PHE E 115 -1.44 27.00 -3.80
C PHE E 115 -0.05 26.66 -4.31
N THR E 116 0.89 26.46 -3.39
CA THR E 116 2.25 26.08 -3.73
C THR E 116 2.68 24.95 -2.82
N ALA E 117 3.36 23.96 -3.40
CA ALA E 117 3.83 22.80 -2.65
C ALA E 117 5.26 22.49 -3.09
N ASN E 118 6.17 22.44 -2.13
CA ASN E 118 7.57 22.17 -2.39
C ASN E 118 8.04 21.02 -1.51
N ASP E 119 8.53 19.95 -2.15
CA ASP E 119 9.13 18.82 -1.46
C ASP E 119 10.64 18.76 -1.67
N SER E 120 11.29 19.92 -1.65
CA SER E 120 12.69 20.03 -2.07
C SER E 120 13.59 19.93 -0.84
N GLY E 121 13.81 18.70 -0.39
CA GLY E 121 14.61 18.47 0.79
C GLY E 121 15.55 17.29 0.70
N PRO E 122 16.68 17.37 1.41
CA PRO E 122 17.56 16.19 1.50
C PRO E 122 17.03 15.17 2.49
N ARG E 123 16.54 14.04 1.98
CA ARG E 123 15.98 13.00 2.84
C ARG E 123 16.51 11.64 2.41
N ARG E 124 16.92 10.84 3.38
CA ARG E 124 17.48 9.51 3.14
C ARG E 124 16.66 8.51 3.95
N TYR E 125 15.96 7.62 3.26
CA TYR E 125 15.20 6.55 3.90
C TYR E 125 15.84 5.22 3.52
N THR E 126 16.35 4.51 4.51
CA THR E 126 17.08 3.26 4.30
C THR E 126 16.40 2.17 5.10
N ILE E 127 16.05 1.07 4.44
CA ILE E 127 15.29 -0.01 5.05
C ILE E 127 15.80 -1.34 4.51
N ALA E 128 16.49 -2.10 5.35
CA ALA E 128 17.01 -3.39 4.91
C ALA E 128 15.89 -4.37 4.61
N ALA E 129 14.95 -4.52 5.54
CA ALA E 129 13.85 -5.46 5.38
C ALA E 129 12.54 -4.75 5.69
N LEU E 130 11.58 -4.88 4.78
CA LEU E 130 10.27 -4.28 4.93
C LEU E 130 9.21 -5.33 4.58
N LEU E 131 8.44 -5.75 5.57
CA LEU E 131 7.41 -6.77 5.37
C LEU E 131 8.04 -8.04 4.78
N SER E 132 9.29 -8.30 5.16
CA SER E 132 10.08 -9.40 4.62
C SER E 132 10.69 -10.17 5.79
N PRO E 133 9.90 -10.98 6.48
CA PRO E 133 10.45 -11.78 7.57
C PRO E 133 11.49 -12.77 7.05
N TYR E 134 12.44 -13.11 7.92
CA TYR E 134 13.56 -13.94 7.52
C TYR E 134 13.97 -14.90 8.63
N SER E 135 14.73 -15.93 8.27
CA SER E 135 15.09 -16.99 9.20
C SER E 135 16.51 -17.47 8.91
N TYR E 136 17.25 -17.76 9.98
CA TYR E 136 18.60 -18.31 9.88
C TYR E 136 19.43 -17.54 8.85
N SER E 137 19.16 -16.23 8.77
CA SER E 137 19.79 -15.38 7.77
C SER E 137 20.52 -14.24 8.46
N THR E 138 21.00 -13.30 7.66
CA THR E 138 21.74 -12.14 8.13
C THR E 138 21.33 -10.91 7.34
N THR E 139 20.92 -9.87 8.06
CA THR E 139 20.58 -8.59 7.46
C THR E 139 21.39 -7.51 8.15
N ALA E 140 21.63 -6.40 7.46
CA ALA E 140 22.46 -5.35 8.01
C ALA E 140 22.31 -4.07 7.20
N VAL E 141 22.54 -2.94 7.86
CA VAL E 141 22.64 -1.63 7.23
C VAL E 141 23.94 -1.00 7.71
N VAL E 142 24.78 -0.59 6.76
CA VAL E 142 26.12 -0.10 7.06
C VAL E 142 26.33 1.21 6.31
N THR E 143 26.95 2.17 6.99
CA THR E 143 27.31 3.46 6.40
C THR E 143 28.69 3.85 6.89
N ASN E 144 29.43 4.56 6.05
CA ASN E 144 30.78 4.99 6.39
C ASN E 144 31.10 6.34 5.75
#